data_2I1F
#
_entry.id   2I1F
#
_entity_poly.entity_id   1
_entity_poly.type   'polypeptide(L)'
_entity_poly.pdbx_seq_one_letter_code
;VRRFAWWWAFLRR(NH2)
;
_entity_poly.pdbx_strand_id   A
#
# COMPACT_ATOMS: atom_id res chain seq x y z
N VAL A 1 -4.34 -5.02 5.44
CA VAL A 1 -3.91 -4.22 4.27
C VAL A 1 -5.03 -4.13 3.23
N ARG A 2 -6.23 -3.79 3.69
CA ARG A 2 -7.39 -3.67 2.80
C ARG A 2 -7.17 -2.55 1.79
N ARG A 3 -6.91 -1.35 2.30
CA ARG A 3 -6.68 -0.19 1.44
C ARG A 3 -5.20 -0.08 1.07
N PHE A 4 -4.34 -0.33 2.05
CA PHE A 4 -2.90 -0.26 1.83
C PHE A 4 -2.48 -1.07 0.61
N ALA A 5 -3.27 -2.06 0.30
CA ALA A 5 -3.00 -2.92 -0.83
C ALA A 5 -2.83 -2.14 -2.13
N TRP A 6 -3.67 -1.13 -2.35
CA TRP A 6 -3.59 -0.33 -3.58
C TRP A 6 -2.61 0.82 -3.49
N TRP A 7 -1.72 0.84 -2.48
CA TRP A 7 -0.78 1.95 -2.37
C TRP A 7 0.35 1.73 -1.39
N TRP A 8 0.07 1.14 -0.25
CA TRP A 8 1.13 0.90 0.71
C TRP A 8 2.24 0.19 -0.05
N ALA A 9 1.81 -0.54 -1.07
CA ALA A 9 2.71 -1.26 -1.93
C ALA A 9 3.33 -0.23 -2.90
N PHE A 10 2.47 0.70 -3.32
CA PHE A 10 2.84 1.80 -4.21
C PHE A 10 4.07 2.54 -3.66
N LEU A 11 4.08 2.79 -2.36
CA LEU A 11 5.18 3.49 -1.71
C LEU A 11 6.42 2.59 -1.55
N ARG A 12 6.21 1.33 -1.21
CA ARG A 12 7.33 0.40 -1.03
C ARG A 12 7.87 -0.09 -2.37
N ARG A 13 7.81 0.78 -3.38
CA ARG A 13 8.31 0.43 -4.71
C ARG A 13 9.83 0.31 -4.71
N VAL A 1 -7.39 4.10 1.70
CA VAL A 1 -7.38 2.63 1.52
C VAL A 1 -7.01 1.92 2.82
N ARG A 2 -7.69 0.80 3.10
CA ARG A 2 -7.45 0.04 4.31
C ARG A 2 -6.13 -0.73 4.26
N ARG A 3 -6.10 -1.79 3.45
CA ARG A 3 -4.90 -2.61 3.31
C ARG A 3 -3.81 -1.89 2.54
N PHE A 4 -4.17 -1.39 1.36
CA PHE A 4 -3.22 -0.68 0.52
C PHE A 4 -2.43 0.35 1.30
N ALA A 5 -3.03 0.86 2.34
CA ALA A 5 -2.39 1.86 3.17
C ALA A 5 -1.01 1.42 3.65
N TRP A 6 -0.87 0.16 4.05
CA TRP A 6 0.42 -0.34 4.55
C TRP A 6 1.31 -0.89 3.43
N TRP A 7 1.04 -0.57 2.16
CA TRP A 7 1.88 -1.11 1.09
C TRP A 7 1.65 -0.49 -0.27
N TRP A 8 0.42 -0.22 -0.62
CA TRP A 8 0.15 0.36 -1.92
C TRP A 8 1.07 1.56 -2.07
N ALA A 9 1.38 2.15 -0.93
CA ALA A 9 2.28 3.27 -0.88
C ALA A 9 3.71 2.74 -0.99
N PHE A 10 3.91 1.58 -0.36
CA PHE A 10 5.18 0.85 -0.35
C PHE A 10 5.69 0.65 -1.78
N LEU A 11 4.79 0.27 -2.69
CA LEU A 11 5.16 0.04 -4.09
C LEU A 11 5.46 1.35 -4.83
N ARG A 12 4.75 2.42 -4.47
CA ARG A 12 4.92 3.73 -5.11
C ARG A 12 6.39 4.11 -5.20
N ARG A 13 7.15 3.79 -4.15
CA ARG A 13 8.57 4.11 -4.09
C ARG A 13 9.30 3.63 -5.34
N VAL A 1 8.31 -2.12 -1.41
CA VAL A 1 7.04 -1.44 -1.07
C VAL A 1 7.23 0.07 -1.00
N ARG A 2 7.79 0.64 -2.06
CA ARG A 2 8.04 2.08 -2.13
C ARG A 2 6.73 2.86 -2.01
N ARG A 3 5.84 2.66 -2.97
CA ARG A 3 4.55 3.32 -2.97
C ARG A 3 3.50 2.51 -2.22
N PHE A 4 3.54 1.21 -2.42
CA PHE A 4 2.60 0.30 -1.76
C PHE A 4 2.48 0.62 -0.29
N ALA A 5 3.53 1.15 0.27
CA ALA A 5 3.55 1.49 1.67
C ALA A 5 2.38 2.40 2.05
N TRP A 6 2.07 3.39 1.22
CA TRP A 6 0.97 4.31 1.51
C TRP A 6 -0.37 3.83 0.97
N TRP A 7 -0.50 2.54 0.62
CA TRP A 7 -1.78 2.07 0.09
C TRP A 7 -1.92 0.57 0.00
N TRP A 8 -0.88 -0.13 -0.40
CA TRP A 8 -0.98 -1.56 -0.50
C TRP A 8 -1.54 -2.07 0.82
N ALA A 9 -1.24 -1.31 1.85
CA ALA A 9 -1.72 -1.61 3.17
C ALA A 9 -3.18 -1.13 3.25
N PHE A 10 -3.42 0.01 2.61
CA PHE A 10 -4.74 0.63 2.51
C PHE A 10 -5.78 -0.38 2.03
N LEU A 11 -5.41 -1.15 1.01
CA LEU A 11 -6.33 -2.16 0.44
C LEU A 11 -6.52 -3.33 1.41
N ARG A 12 -5.45 -3.69 2.13
CA ARG A 12 -5.53 -4.79 3.08
C ARG A 12 -6.72 -4.57 4.00
N ARG A 13 -7.03 -3.30 4.20
CA ARG A 13 -8.15 -2.88 5.02
C ARG A 13 -9.46 -3.46 4.50
N VAL A 1 -4.35 -5.31 5.15
CA VAL A 1 -3.86 -4.45 4.06
C VAL A 1 -4.95 -4.23 3.01
N ARG A 2 -6.15 -3.90 3.47
CA ARG A 2 -7.28 -3.67 2.58
C ARG A 2 -6.98 -2.50 1.64
N ARG A 3 -6.67 -1.34 2.22
CA ARG A 3 -6.36 -0.15 1.44
C ARG A 3 -4.87 -0.10 1.09
N PHE A 4 -4.03 -0.39 2.08
CA PHE A 4 -2.58 -0.37 1.89
C PHE A 4 -2.18 -1.12 0.64
N ALA A 5 -2.99 -2.09 0.26
CA ALA A 5 -2.71 -2.89 -0.91
C ALA A 5 -2.48 -2.03 -2.16
N TRP A 6 -3.28 -0.98 -2.35
CA TRP A 6 -3.13 -0.12 -3.51
C TRP A 6 -2.12 1.01 -3.31
N TRP A 7 -1.25 0.92 -2.29
CA TRP A 7 -0.30 2.01 -2.06
C TRP A 7 0.79 1.72 -1.04
N TRP A 8 0.46 1.07 0.04
CA TRP A 8 1.47 0.80 1.04
C TRP A 8 2.66 0.22 0.32
N ALA A 9 2.36 -0.53 -0.72
CA ALA A 9 3.36 -1.13 -1.56
C ALA A 9 3.97 -0.02 -2.42
N PHE A 10 3.08 0.87 -2.90
CA PHE A 10 3.44 2.04 -3.70
C PHE A 10 4.61 2.77 -3.03
N LEU A 11 4.59 2.80 -1.69
CA LEU A 11 5.63 3.45 -0.92
C LEU A 11 6.96 2.71 -1.06
N ARG A 12 6.91 1.39 -0.88
CA ARG A 12 8.08 0.55 -0.96
C ARG A 12 8.87 0.82 -2.24
N ARG A 13 8.22 0.60 -3.37
CA ARG A 13 8.84 0.81 -4.67
C ARG A 13 8.95 2.30 -5.01
N VAL A 1 -3.02 -7.53 3.52
CA VAL A 1 -3.00 -6.05 3.33
C VAL A 1 -4.26 -5.57 2.61
N ARG A 2 -4.98 -4.66 3.24
CA ARG A 2 -6.20 -4.11 2.67
C ARG A 2 -5.90 -3.05 1.62
N ARG A 3 -6.44 -1.84 1.80
CA ARG A 3 -6.22 -0.75 0.85
C ARG A 3 -4.72 -0.52 0.65
N PHE A 4 -3.97 -0.66 1.72
CA PHE A 4 -2.52 -0.47 1.68
C PHE A 4 -1.91 -1.18 0.49
N ALA A 5 -2.56 -2.25 0.08
CA ALA A 5 -2.09 -3.02 -1.05
C ALA A 5 -1.86 -2.16 -2.29
N TRP A 6 -2.82 -1.27 -2.59
CA TRP A 6 -2.70 -0.42 -3.77
C TRP A 6 -1.88 0.85 -3.51
N TRP A 7 -1.14 0.91 -2.40
CA TRP A 7 -0.37 2.13 -2.11
C TRP A 7 0.72 1.97 -1.06
N TRP A 8 0.41 1.33 0.04
CA TRP A 8 1.41 1.14 1.06
C TRP A 8 2.64 0.58 0.38
N ALA A 9 2.36 -0.24 -0.64
CA ALA A 9 3.40 -0.83 -1.45
C ALA A 9 3.95 0.24 -2.39
N PHE A 10 3.01 1.07 -2.90
CA PHE A 10 3.32 2.20 -3.77
C PHE A 10 4.42 3.04 -3.13
N LEU A 11 4.47 3.02 -1.81
CA LEU A 11 5.47 3.76 -1.04
C LEU A 11 6.80 3.02 -0.97
N ARG A 12 6.76 1.77 -0.51
CA ARG A 12 7.97 0.96 -0.35
C ARG A 12 8.77 0.90 -1.65
N ARG A 13 8.08 0.72 -2.77
CA ARG A 13 8.74 0.64 -4.07
C ARG A 13 9.50 1.94 -4.38
N VAL A 1 8.98 -3.17 -1.41
CA VAL A 1 7.90 -2.15 -1.35
C VAL A 1 8.48 -0.76 -1.05
N ARG A 2 7.97 0.25 -1.75
CA ARG A 2 8.42 1.62 -1.57
C ARG A 2 7.22 2.55 -1.49
N ARG A 3 6.28 2.38 -2.40
CA ARG A 3 5.07 3.19 -2.43
C ARG A 3 3.90 2.41 -1.85
N PHE A 4 3.83 1.13 -2.14
CA PHE A 4 2.74 0.31 -1.63
C PHE A 4 2.61 0.49 -0.14
N ALA A 5 3.74 0.66 0.48
CA ALA A 5 3.82 0.87 1.90
C ALA A 5 2.78 1.89 2.44
N TRP A 6 2.19 2.74 1.57
CA TRP A 6 1.21 3.72 2.04
C TRP A 6 -0.21 3.47 1.50
N TRP A 7 -0.52 2.25 1.06
CA TRP A 7 -1.86 1.96 0.52
C TRP A 7 -2.07 0.48 0.23
N TRP A 8 -1.00 -0.22 -0.04
CA TRP A 8 -1.05 -1.63 -0.36
C TRP A 8 -1.88 -2.40 0.67
N ALA A 9 -2.12 -1.73 1.77
CA ALA A 9 -2.89 -2.26 2.86
C ALA A 9 -4.20 -1.53 2.89
N PHE A 10 -4.15 -0.25 2.48
CA PHE A 10 -5.33 0.57 2.29
C PHE A 10 -6.21 -0.25 1.37
N LEU A 11 -5.49 -1.15 0.70
CA LEU A 11 -6.00 -2.11 -0.24
C LEU A 11 -6.30 -3.45 0.45
N ARG A 12 -5.33 -3.92 1.24
CA ARG A 12 -5.46 -5.21 1.93
C ARG A 12 -6.59 -5.20 2.96
N ARG A 13 -7.08 -4.02 3.31
CA ARG A 13 -8.16 -3.90 4.28
C ARG A 13 -9.47 -4.47 3.72
N VAL A 1 -8.53 2.41 0.26
CA VAL A 1 -7.09 2.12 0.52
C VAL A 1 -6.84 1.89 2.01
N ARG A 2 -7.70 1.08 2.62
CA ARG A 2 -7.57 0.78 4.04
C ARG A 2 -6.23 0.11 4.32
N ARG A 3 -5.98 -1.00 3.62
CA ARG A 3 -4.73 -1.73 3.77
C ARG A 3 -3.67 -1.20 2.84
N PHE A 4 -4.05 -1.02 1.58
CA PHE A 4 -3.15 -0.51 0.55
C PHE A 4 -2.31 0.64 1.05
N ALA A 5 -2.89 1.40 1.95
CA ALA A 5 -2.20 2.55 2.50
C ALA A 5 -0.82 2.18 3.05
N TRP A 6 -0.73 1.06 3.77
CA TRP A 6 0.55 0.63 4.34
C TRP A 6 1.37 -0.22 3.37
N TRP A 7 1.05 -0.21 2.07
CA TRP A 7 1.82 -1.05 1.14
C TRP A 7 1.60 -0.74 -0.33
N TRP A 8 0.37 -0.53 -0.75
CA TRP A 8 0.12 -0.25 -2.14
C TRP A 8 1.10 0.83 -2.55
N ALA A 9 1.37 1.70 -1.60
CA ALA A 9 2.33 2.77 -1.80
C ALA A 9 3.73 2.15 -1.76
N PHE A 10 3.90 1.23 -0.80
CA PHE A 10 5.15 0.48 -0.62
C PHE A 10 5.65 -0.02 -1.98
N LEU A 11 4.72 -0.43 -2.82
CA LEU A 11 5.03 -0.91 -4.16
C LEU A 11 5.58 0.22 -5.03
N ARG A 12 4.89 1.35 -4.99
CA ARG A 12 5.26 2.53 -5.78
C ARG A 12 6.74 2.86 -5.57
N ARG A 13 7.15 2.89 -4.30
CA ARG A 13 8.53 3.18 -3.95
C ARG A 13 9.50 2.24 -4.65
N VAL A 1 -8.34 3.32 0.50
CA VAL A 1 -6.94 2.87 0.70
C VAL A 1 -6.68 2.54 2.17
N ARG A 2 -7.56 1.74 2.75
CA ARG A 2 -7.43 1.35 4.16
C ARG A 2 -6.17 0.49 4.35
N ARG A 3 -6.07 -0.56 3.54
CA ARG A 3 -4.91 -1.45 3.61
C ARG A 3 -3.79 -0.96 2.72
N PHE A 4 -4.14 -0.67 1.47
CA PHE A 4 -3.19 -0.18 0.48
C PHE A 4 -2.28 0.88 1.07
N ALA A 5 -2.81 1.62 2.01
CA ALA A 5 -2.05 2.67 2.64
C ALA A 5 -0.71 2.18 3.18
N TRP A 6 -0.71 1.00 3.82
CA TRP A 6 0.52 0.45 4.38
C TRP A 6 1.30 -0.41 3.39
N TRP A 7 0.99 -0.31 2.08
CA TRP A 7 1.72 -1.15 1.11
C TRP A 7 1.54 -0.76 -0.34
N TRP A 8 0.33 -0.41 -0.74
CA TRP A 8 0.13 -0.03 -2.12
C TRP A 8 1.20 0.99 -2.46
N ALA A 9 1.53 1.79 -1.46
CA ALA A 9 2.56 2.78 -1.59
C ALA A 9 3.91 2.07 -1.57
N PHE A 10 3.99 1.07 -0.68
CA PHE A 10 5.18 0.22 -0.54
C PHE A 10 5.63 -0.26 -1.90
N LEU A 11 4.66 -0.51 -2.78
CA LEU A 11 4.94 -0.95 -4.14
C LEU A 11 5.60 0.17 -4.95
N ARG A 12 4.98 1.34 -4.89
CA ARG A 12 5.48 2.51 -5.59
C ARG A 12 6.98 2.68 -5.36
N ARG A 13 7.38 2.47 -4.12
CA ARG A 13 8.76 2.58 -3.71
C ARG A 13 9.66 1.67 -4.56
N VAL A 1 6.66 -0.66 2.35
CA VAL A 1 7.32 -0.87 1.03
C VAL A 1 7.52 0.45 0.30
N ARG A 2 7.59 0.40 -1.03
CA ARG A 2 7.77 1.59 -1.84
C ARG A 2 6.50 2.44 -1.80
N ARG A 3 6.02 2.88 -2.96
CA ARG A 3 4.80 3.68 -3.02
C ARG A 3 3.63 2.89 -2.44
N PHE A 4 3.65 1.59 -2.64
CA PHE A 4 2.60 0.72 -2.13
C PHE A 4 2.40 0.93 -0.64
N ALA A 5 3.44 1.40 0.01
CA ALA A 5 3.38 1.62 1.44
C ALA A 5 2.24 2.55 1.85
N TRP A 6 2.01 3.61 1.06
CA TRP A 6 0.95 4.55 1.38
C TRP A 6 -0.42 4.12 0.85
N TRP A 7 -0.59 2.86 0.45
CA TRP A 7 -1.88 2.42 -0.08
C TRP A 7 -2.04 0.91 -0.22
N TRP A 8 -1.03 0.24 -0.72
CA TRP A 8 -1.14 -1.19 -0.86
C TRP A 8 -1.57 -1.73 0.48
N ALA A 9 -1.19 -1.00 1.51
CA ALA A 9 -1.56 -1.32 2.86
C ALA A 9 -3.01 -0.87 3.07
N PHE A 10 -3.31 0.29 2.47
CA PHE A 10 -4.64 0.89 2.48
C PHE A 10 -5.68 -0.13 2.01
N LEU A 11 -5.36 -0.88 0.97
CA LEU A 11 -6.28 -1.88 0.43
C LEU A 11 -6.34 -3.13 1.30
N ARG A 12 -5.19 -3.54 1.84
CA ARG A 12 -5.16 -4.74 2.71
C ARG A 12 -5.75 -4.41 4.08
N ARG A 13 -6.60 -3.39 4.12
CA ARG A 13 -7.24 -2.97 5.36
C ARG A 13 -8.33 -3.94 5.78
N VAL A 1 -3.85 -5.87 4.97
CA VAL A 1 -3.40 -4.85 3.99
C VAL A 1 -4.48 -4.58 2.94
N ARG A 2 -5.71 -4.40 3.40
CA ARG A 2 -6.82 -4.15 2.49
C ARG A 2 -6.61 -2.82 1.75
N ARG A 3 -6.34 -1.77 2.50
CA ARG A 3 -6.10 -0.45 1.92
C ARG A 3 -4.65 -0.27 1.53
N PHE A 4 -3.76 -0.62 2.46
CA PHE A 4 -2.32 -0.50 2.22
C PHE A 4 -1.93 -1.11 0.90
N ALA A 5 -2.73 -2.06 0.45
CA ALA A 5 -2.47 -2.73 -0.80
C ALA A 5 -2.36 -1.75 -1.97
N TRP A 6 -3.26 -0.75 -2.02
CA TRP A 6 -3.24 0.21 -3.11
C TRP A 6 -2.26 1.37 -2.87
N TRP A 7 -1.35 1.25 -1.89
CA TRP A 7 -0.41 2.34 -1.63
C TRP A 7 0.77 1.98 -0.76
N TRP A 8 0.55 1.25 0.31
CA TRP A 8 1.66 0.89 1.15
C TRP A 8 2.70 0.27 0.24
N ALA A 9 2.19 -0.39 -0.80
CA ALA A 9 3.02 -1.00 -1.82
C ALA A 9 3.55 0.11 -2.72
N PHE A 10 2.66 1.08 -2.98
CA PHE A 10 2.98 2.27 -3.79
C PHE A 10 4.25 2.92 -3.24
N LEU A 11 4.45 2.78 -1.93
CA LEU A 11 5.63 3.34 -1.25
C LEU A 11 6.84 2.43 -1.41
N ARG A 12 6.69 1.16 -1.01
CA ARG A 12 7.79 0.19 -1.10
C ARG A 12 8.38 0.18 -2.50
N ARG A 13 7.55 0.48 -3.49
CA ARG A 13 7.97 0.52 -4.88
C ARG A 13 9.19 1.41 -5.05
N VAL A 1 4.26 5.64 -5.33
CA VAL A 1 3.68 4.48 -4.61
C VAL A 1 4.44 3.20 -4.95
N ARG A 2 5.76 3.28 -4.89
CA ARG A 2 6.61 2.12 -5.18
C ARG A 2 6.31 0.98 -4.22
N ARG A 3 6.44 1.25 -2.93
CA ARG A 3 6.17 0.25 -1.90
C ARG A 3 4.70 0.21 -1.54
N PHE A 4 4.11 1.39 -1.34
CA PHE A 4 2.70 1.50 -0.98
C PHE A 4 1.82 0.66 -1.90
N ALA A 5 2.32 0.42 -3.10
CA ALA A 5 1.57 -0.34 -4.06
C ALA A 5 1.18 -1.73 -3.54
N TRP A 6 2.11 -2.40 -2.84
CA TRP A 6 1.84 -3.74 -2.32
C TRP A 6 1.17 -3.72 -0.94
N TRP A 7 0.59 -2.59 -0.52
CA TRP A 7 -0.03 -2.55 0.81
C TRP A 7 -0.83 -1.30 1.12
N TRP A 8 -0.36 -0.15 0.68
CA TRP A 8 -1.10 1.06 0.96
C TRP A 8 -2.51 0.84 0.52
N ALA A 9 -2.65 -0.03 -0.48
CA ALA A 9 -3.94 -0.41 -0.98
C ALA A 9 -4.55 -1.42 0.00
N PHE A 10 -3.67 -2.28 0.52
CA PHE A 10 -4.00 -3.31 1.50
C PHE A 10 -4.79 -2.69 2.67
N LEU A 11 -4.30 -1.55 3.17
CA LEU A 11 -4.95 -0.87 4.28
C LEU A 11 -6.26 -0.21 3.86
N ARG A 12 -6.32 0.27 2.62
CA ARG A 12 -7.52 0.92 2.10
C ARG A 12 -8.74 0.07 2.35
N ARG A 13 -8.60 -1.22 2.06
CA ARG A 13 -9.66 -2.18 2.23
C ARG A 13 -10.20 -2.15 3.66
N VAL A 1 -3.32 -7.08 1.44
CA VAL A 1 -3.81 -5.99 2.31
C VAL A 1 -4.96 -5.24 1.67
N ARG A 2 -5.85 -4.70 2.51
CA ARG A 2 -7.02 -3.97 2.03
C ARG A 2 -6.60 -2.71 1.26
N ARG A 3 -6.90 -1.53 1.80
CA ARG A 3 -6.56 -0.28 1.13
C ARG A 3 -5.06 -0.20 0.82
N PHE A 4 -4.23 -0.68 1.75
CA PHE A 4 -2.79 -0.65 1.56
C PHE A 4 -2.38 -1.19 0.20
N ALA A 5 -3.22 -2.03 -0.36
CA ALA A 5 -2.94 -2.62 -1.65
C ALA A 5 -2.69 -1.57 -2.74
N TRP A 6 -3.50 -0.52 -2.76
CA TRP A 6 -3.36 0.52 -3.79
C TRP A 6 -2.32 1.57 -3.42
N TRP A 7 -1.46 1.32 -2.43
CA TRP A 7 -0.46 2.34 -2.05
C TRP A 7 0.62 1.84 -1.12
N TRP A 8 0.29 1.03 -0.15
CA TRP A 8 1.31 0.55 0.75
C TRP A 8 2.41 -0.03 -0.11
N ALA A 9 1.99 -0.52 -1.27
CA ALA A 9 2.90 -1.05 -2.25
C ALA A 9 3.58 0.12 -2.95
N PHE A 10 2.78 1.17 -3.15
CA PHE A 10 3.23 2.43 -3.77
C PHE A 10 4.45 2.99 -3.03
N LEU A 11 4.45 2.91 -1.70
CA LEU A 11 5.55 3.43 -0.90
C LEU A 11 6.77 2.51 -0.92
N ARG A 12 6.54 1.21 -0.74
CA ARG A 12 7.61 0.24 -0.73
C ARG A 12 8.26 0.13 -2.11
N ARG A 13 7.61 0.74 -3.11
CA ARG A 13 8.10 0.71 -4.48
C ARG A 13 9.55 1.21 -4.55
N VAL A 1 7.40 -1.98 2.37
CA VAL A 1 7.20 -1.87 0.90
C VAL A 1 7.39 -0.44 0.43
N ARG A 2 7.86 -0.28 -0.80
CA ARG A 2 8.10 1.05 -1.37
C ARG A 2 6.80 1.86 -1.46
N ARG A 3 6.32 2.10 -2.67
CA ARG A 3 5.10 2.87 -2.88
C ARG A 3 3.91 2.22 -2.19
N PHE A 4 3.86 0.89 -2.22
CA PHE A 4 2.76 0.15 -1.60
C PHE A 4 2.49 0.62 -0.18
N ALA A 5 3.52 1.17 0.44
CA ALA A 5 3.39 1.64 1.79
C ALA A 5 2.25 2.66 1.96
N TRP A 6 2.08 3.55 0.98
CA TRP A 6 1.02 4.56 1.07
C TRP A 6 -0.31 4.10 0.49
N TRP A 7 -0.51 2.79 0.28
CA TRP A 7 -1.78 2.32 -0.29
C TRP A 7 -1.98 0.82 -0.25
N TRP A 8 -0.94 0.05 -0.48
CA TRP A 8 -1.11 -1.38 -0.44
C TRP A 8 -1.77 -1.71 0.88
N ALA A 9 -1.50 -0.85 1.85
CA ALA A 9 -2.08 -0.97 3.16
C ALA A 9 -3.52 -0.47 3.07
N PHE A 10 -3.70 0.56 2.24
CA PHE A 10 -4.99 1.19 1.96
C PHE A 10 -6.02 0.16 1.49
N LEU A 11 -5.58 -0.77 0.64
CA LEU A 11 -6.48 -1.79 0.09
C LEU A 11 -6.80 -2.90 1.10
N ARG A 12 -5.79 -3.37 1.82
CA ARG A 12 -5.97 -4.44 2.79
C ARG A 12 -6.85 -4.00 3.96
N ARG A 13 -6.62 -2.79 4.47
CA ARG A 13 -7.39 -2.28 5.59
C ARG A 13 -8.88 -2.16 5.24
N VAL A 1 8.48 -3.07 -2.08
CA VAL A 1 7.29 -2.32 -1.61
C VAL A 1 7.64 -0.85 -1.35
N ARG A 2 8.35 -0.24 -2.29
CA ARG A 2 8.75 1.15 -2.16
C ARG A 2 7.53 2.07 -2.04
N ARG A 3 6.50 1.80 -2.82
CA ARG A 3 5.30 2.62 -2.80
C ARG A 3 4.13 1.92 -2.11
N PHE A 4 3.97 0.63 -2.33
CA PHE A 4 2.87 -0.10 -1.72
C PHE A 4 2.80 0.19 -0.24
N ALA A 5 3.95 0.39 0.33
CA ALA A 5 4.07 0.69 1.74
C ALA A 5 3.11 1.79 2.23
N TRP A 6 2.46 2.53 1.31
CA TRP A 6 1.52 3.60 1.72
C TRP A 6 0.10 3.41 1.19
N TRP A 7 -0.30 2.16 0.87
CA TRP A 7 -1.66 1.90 0.34
C TRP A 7 -1.93 0.42 0.15
N TRP A 8 -0.88 -0.35 -0.07
CA TRP A 8 -1.00 -1.78 -0.27
C TRP A 8 -1.88 -2.44 0.77
N ALA A 9 -2.12 -1.70 1.81
CA ALA A 9 -2.94 -2.11 2.91
C ALA A 9 -4.23 -1.34 2.84
N PHE A 10 -4.10 -0.12 2.33
CA PHE A 10 -5.25 0.75 2.08
C PHE A 10 -6.24 -0.11 1.30
N LEU A 11 -5.65 -1.10 0.63
CA LEU A 11 -6.39 -2.06 -0.16
C LEU A 11 -6.66 -3.33 0.67
N ARG A 12 -5.66 -3.76 1.44
CA ARG A 12 -5.79 -4.96 2.26
C ARG A 12 -6.91 -4.82 3.28
N ARG A 13 -7.38 -3.58 3.46
CA ARG A 13 -8.47 -3.31 4.40
C ARG A 13 -9.70 -4.14 4.08
N VAL A 1 1.53 5.06 -6.17
CA VAL A 1 2.64 5.09 -5.17
C VAL A 1 3.54 3.87 -5.33
N ARG A 2 4.80 4.01 -4.91
CA ARG A 2 5.78 2.94 -5.00
C ARG A 2 5.36 1.70 -4.21
N ARG A 3 6.13 1.35 -3.18
CA ARG A 3 5.84 0.17 -2.36
C ARG A 3 4.43 0.21 -1.79
N PHE A 4 4.01 1.37 -1.30
CA PHE A 4 2.69 1.54 -0.72
C PHE A 4 1.61 0.93 -1.59
N ALA A 5 1.87 0.88 -2.88
CA ALA A 5 0.91 0.34 -3.82
C ALA A 5 0.45 -1.08 -3.44
N TRP A 6 1.39 -1.93 -3.03
CA TRP A 6 1.05 -3.30 -2.66
C TRP A 6 0.57 -3.44 -1.22
N TRP A 7 0.21 -2.35 -0.55
CA TRP A 7 -0.23 -2.45 0.85
C TRP A 7 -0.89 -1.21 1.42
N TRP A 8 -0.32 -0.05 1.16
CA TRP A 8 -0.92 1.16 1.68
C TRP A 8 -2.40 1.10 1.34
N ALA A 9 -2.67 0.50 0.19
CA ALA A 9 -4.02 0.31 -0.28
C ALA A 9 -4.64 -0.84 0.52
N PHE A 10 -3.81 -1.85 0.77
CA PHE A 10 -4.17 -3.03 1.56
C PHE A 10 -4.81 -2.58 2.88
N LEU A 11 -4.41 -1.39 3.33
CA LEU A 11 -4.93 -0.82 4.57
C LEU A 11 -6.28 -0.12 4.34
N ARG A 12 -6.30 0.81 3.39
CA ARG A 12 -7.51 1.58 3.09
C ARG A 12 -8.69 0.66 2.80
N ARG A 13 -8.45 -0.41 2.04
CA ARG A 13 -9.50 -1.35 1.69
C ARG A 13 -10.13 -1.96 2.95
N VAL A 1 7.18 -1.54 1.96
CA VAL A 1 7.60 -1.69 0.54
C VAL A 1 7.86 -0.33 -0.11
N ARG A 2 7.81 -0.30 -1.44
CA ARG A 2 8.03 0.94 -2.18
C ARG A 2 6.85 1.89 -1.98
N ARG A 3 6.29 2.39 -3.07
CA ARG A 3 5.14 3.30 -2.99
C ARG A 3 3.97 2.59 -2.31
N PHE A 4 3.82 1.30 -2.57
CA PHE A 4 2.76 0.50 -1.98
C PHE A 4 2.70 0.69 -0.48
N ALA A 5 3.84 1.00 0.10
CA ALA A 5 3.92 1.17 1.53
C ALA A 5 2.91 2.19 2.06
N TRP A 6 2.70 3.29 1.32
CA TRP A 6 1.76 4.31 1.76
C TRP A 6 0.32 4.06 1.29
N TRP A 7 0.00 2.84 0.85
CA TRP A 7 -1.36 2.56 0.37
C TRP A 7 -1.69 1.11 0.16
N TRP A 8 -0.76 0.35 -0.37
CA TRP A 8 -1.04 -1.06 -0.58
C TRP A 8 -1.49 -1.62 0.74
N ALA A 9 -1.05 -0.95 1.80
CA ALA A 9 -1.44 -1.29 3.14
C ALA A 9 -2.84 -0.72 3.37
N PHE A 10 -3.04 0.47 2.80
CA PHE A 10 -4.30 1.20 2.85
C PHE A 10 -5.46 0.34 2.31
N LEU A 11 -5.20 -0.39 1.22
CA LEU A 11 -6.22 -1.24 0.61
C LEU A 11 -6.46 -2.50 1.42
N ARG A 12 -5.39 -3.11 1.94
CA ARG A 12 -5.50 -4.32 2.71
C ARG A 12 -5.95 -4.02 4.14
N ARG A 13 -6.96 -3.17 4.26
CA ARG A 13 -7.50 -2.80 5.57
C ARG A 13 -8.12 -4.01 6.26
N VAL A 1 -4.91 -6.10 6.38
CA VAL A 1 -5.51 -4.79 6.03
C VAL A 1 -6.15 -4.82 4.64
N ARG A 2 -7.30 -4.18 4.50
CA ARG A 2 -7.97 -4.15 3.21
C ARG A 2 -7.45 -2.98 2.39
N ARG A 3 -6.23 -2.53 2.71
CA ARG A 3 -5.58 -1.43 2.02
C ARG A 3 -4.07 -1.52 2.16
N PHE A 4 -3.42 -1.90 1.07
CA PHE A 4 -1.97 -2.04 1.06
C PHE A 4 -1.47 -2.41 -0.34
N ALA A 5 -2.12 -3.37 -0.94
CA ALA A 5 -1.75 -3.83 -2.25
C ALA A 5 -1.89 -2.71 -3.27
N TRP A 6 -2.89 -1.86 -3.07
CA TRP A 6 -3.14 -0.76 -3.98
C TRP A 6 -2.29 0.48 -3.65
N TRP A 7 -1.33 0.37 -2.71
CA TRP A 7 -0.52 1.54 -2.34
C TRP A 7 0.61 1.27 -1.36
N TRP A 8 0.35 0.45 -0.36
CA TRP A 8 1.38 0.18 0.62
C TRP A 8 2.66 -0.16 -0.13
N ALA A 9 2.47 -0.71 -1.33
CA ALA A 9 3.58 -1.03 -2.20
C ALA A 9 4.00 0.26 -2.92
N PHE A 10 2.98 1.06 -3.27
CA PHE A 10 3.14 2.35 -3.94
C PHE A 10 4.18 3.24 -3.24
N LEU A 11 4.06 3.39 -1.92
CA LEU A 11 4.97 4.23 -1.16
C LEU A 11 6.32 3.56 -0.88
N ARG A 12 6.31 2.28 -0.53
CA ARG A 12 7.55 1.56 -0.23
C ARG A 12 8.48 1.55 -1.44
N ARG A 13 7.90 1.76 -2.63
CA ARG A 13 8.68 1.79 -3.86
C ARG A 13 9.82 2.80 -3.75
N VAL A 1 7.71 -1.79 2.78
CA VAL A 1 7.62 -1.65 1.31
C VAL A 1 7.73 -0.20 0.88
N ARG A 2 8.22 0.01 -0.34
CA ARG A 2 8.40 1.35 -0.90
C ARG A 2 7.06 2.11 -0.97
N ARG A 3 6.59 2.39 -2.19
CA ARG A 3 5.33 3.10 -2.39
C ARG A 3 4.19 2.37 -1.73
N PHE A 4 4.17 1.06 -1.89
CA PHE A 4 3.13 0.21 -1.33
C PHE A 4 2.80 0.60 0.10
N ALA A 5 3.78 1.12 0.79
CA ALA A 5 3.59 1.52 2.16
C ALA A 5 2.41 2.48 2.34
N TRP A 6 2.29 3.45 1.44
CA TRP A 6 1.21 4.43 1.52
C TRP A 6 -0.07 3.97 0.82
N TRP A 7 -0.20 2.67 0.51
CA TRP A 7 -1.42 2.22 -0.19
C TRP A 7 -1.60 0.72 -0.24
N TRP A 8 -0.54 -0.02 -0.47
CA TRP A 8 -0.67 -1.46 -0.53
C TRP A 8 -1.44 -1.90 0.69
N ALA A 9 -1.26 -1.12 1.75
CA ALA A 9 -1.95 -1.37 2.99
C ALA A 9 -3.38 -0.85 2.85
N PHE A 10 -3.48 0.29 2.15
CA PHE A 10 -4.75 0.95 1.84
C PHE A 10 -5.74 -0.03 1.23
N LEU A 11 -5.29 -0.79 0.23
CA LEU A 11 -6.13 -1.78 -0.45
C LEU A 11 -6.55 -2.90 0.49
N ARG A 12 -5.65 -3.30 1.39
CA ARG A 12 -5.93 -4.38 2.34
C ARG A 12 -7.24 -4.11 3.06
N ARG A 13 -7.37 -2.91 3.60
CA ARG A 13 -8.57 -2.51 4.32
C ARG A 13 -9.75 -2.39 3.35
N VAL A 1 -6.40 -5.16 6.70
CA VAL A 1 -6.29 -4.02 5.76
C VAL A 1 -6.61 -4.45 4.33
N ARG A 2 -7.30 -3.58 3.61
CA ARG A 2 -7.67 -3.84 2.23
C ARG A 2 -7.43 -2.57 1.41
N ARG A 3 -6.41 -1.82 1.83
CA ARG A 3 -6.05 -0.58 1.16
C ARG A 3 -4.59 -0.60 0.74
N PHE A 4 -3.73 -1.05 1.66
CA PHE A 4 -2.29 -1.13 1.41
C PHE A 4 -1.95 -1.58 -0.02
N ALA A 5 -2.81 -2.37 -0.62
CA ALA A 5 -2.56 -2.86 -1.96
C ALA A 5 -2.44 -1.73 -2.97
N TRP A 6 -3.35 -0.77 -2.92
CA TRP A 6 -3.32 0.34 -3.86
C TRP A 6 -2.33 1.43 -3.48
N TRP A 7 -1.39 1.16 -2.54
CA TRP A 7 -0.45 2.20 -2.15
C TRP A 7 0.68 1.79 -1.23
N TRP A 8 0.42 0.92 -0.28
CA TRP A 8 1.47 0.53 0.62
C TRP A 8 2.67 0.13 -0.23
N ALA A 9 2.37 -0.39 -1.42
CA ALA A 9 3.40 -0.76 -2.37
C ALA A 9 3.92 0.52 -3.03
N PHE A 10 2.99 1.45 -3.24
CA PHE A 10 3.27 2.76 -3.82
C PHE A 10 4.43 3.43 -3.10
N LEU A 11 4.43 3.35 -1.77
CA LEU A 11 5.47 3.98 -0.96
C LEU A 11 6.78 3.19 -0.94
N ARG A 12 6.70 1.86 -0.87
CA ARG A 12 7.90 1.03 -0.82
C ARG A 12 8.78 1.25 -2.05
N ARG A 13 8.16 1.53 -3.19
CA ARG A 13 8.89 1.77 -4.43
C ARG A 13 9.97 2.83 -4.23
N VAL A 1 8.06 -2.24 -0.36
CA VAL A 1 6.73 -1.61 -0.29
C VAL A 1 6.85 -0.09 -0.20
N ARG A 2 7.69 0.49 -1.05
CA ARG A 2 7.89 1.93 -1.07
C ARG A 2 6.59 2.64 -1.43
N ARG A 3 5.99 2.23 -2.54
CA ARG A 3 4.73 2.83 -2.99
C ARG A 3 3.54 2.09 -2.37
N PHE A 4 3.58 0.77 -2.42
CA PHE A 4 2.51 -0.05 -1.87
C PHE A 4 2.12 0.39 -0.48
N ALA A 5 3.05 1.01 0.21
CA ALA A 5 2.81 1.47 1.55
C ALA A 5 1.61 2.41 1.64
N TRP A 6 1.49 3.34 0.68
CA TRP A 6 0.38 4.29 0.68
C TRP A 6 -0.89 3.73 0.05
N TRP A 7 -0.97 2.41 -0.19
CA TRP A 7 -2.17 1.86 -0.82
C TRP A 7 -2.31 0.36 -0.70
N TRP A 8 -1.26 -0.38 -0.95
CA TRP A 8 -1.36 -1.82 -0.84
C TRP A 8 -1.98 -2.12 0.51
N ALA A 9 -1.63 -1.26 1.46
CA ALA A 9 -2.16 -1.34 2.80
C ALA A 9 -3.60 -0.81 2.78
N PHE A 10 -3.79 0.25 1.99
CA PHE A 10 -5.09 0.88 1.78
C PHE A 10 -6.11 -0.19 1.39
N LEU A 11 -5.64 -1.21 0.69
CA LEU A 11 -6.50 -2.32 0.25
C LEU A 11 -6.75 -3.31 1.38
N ARG A 12 -5.67 -3.88 1.92
CA ARG A 12 -5.78 -4.86 3.00
C ARG A 12 -6.66 -4.31 4.11
N ARG A 13 -6.61 -3.00 4.30
CA ARG A 13 -7.39 -2.31 5.31
C ARG A 13 -8.88 -2.65 5.18
#